data_1LHR
#
_entry.id   1LHR
#
_cell.length_a   59.000
_cell.length_b   93.800
_cell.length_c   128.800
_cell.angle_alpha   90.00
_cell.angle_beta   90.00
_cell.angle_gamma   90.00
#
_symmetry.space_group_name_H-M   'P 21 21 21'
#
loop_
_entity.id
_entity.type
_entity.pdbx_description
1 polymer 'Pyridoxal kinase'
2 non-polymer 'ZINC ION'
3 non-polymer 'POTASSIUM ION'
4 non-polymer "ADENOSINE-5'-TRIPHOSPHATE"
5 water water
#
_entity_poly.entity_id   1
_entity_poly.type   'polypeptide(L)'
_entity_poly.pdbx_seq_one_letter_code
;MEEECRVLSIQSHVVRGYVGNRAATFPLQVLGFEVDAVNSVQFSNHTGYSHWKGQVLNSDELQELYDGLKLNHVNQYDYV
LTGYTRDKSFLAMVVDIVQELKQQNPRLVYVCDPVMGDQRNGEGAMYVPDDLLPVYREKVVPVADIITPNQFEAELLTGR
KIHSQEEALEVMDMLHSMGPDTVVITSSNLLSPRGSDYLMALGSQRTRAPDGSVVTQRIRMEMHKVDAVFVGTGDLFAAM
LLAWTHKHPNNLKVACEKTVSAMHHVLQRTIKCAKAKSGEGVKPSPAQLELRMVQSKKDIESPEIVVQATVL
;
_entity_poly.pdbx_strand_id   A,B
#
# COMPACT_ATOMS: atom_id res chain seq x y z
N GLU A 4 2.11 8.13 18.03
CA GLU A 4 1.21 8.10 16.84
C GLU A 4 1.57 9.21 15.84
N CYS A 5 2.27 8.85 14.76
CA CYS A 5 2.67 9.82 13.74
C CYS A 5 2.02 9.59 12.37
N ARG A 6 1.62 10.67 11.70
CA ARG A 6 0.97 10.57 10.40
C ARG A 6 1.76 11.24 9.28
N VAL A 7 2.02 10.50 8.20
CA VAL A 7 2.78 10.99 7.05
C VAL A 7 1.96 11.14 5.78
N LEU A 8 2.10 12.28 5.12
CA LEU A 8 1.42 12.56 3.87
C LEU A 8 2.49 12.38 2.82
N SER A 9 2.40 11.30 2.06
CA SER A 9 3.39 11.03 1.04
C SER A 9 2.78 11.24 -0.33
N ILE A 10 3.32 12.17 -1.10
CA ILE A 10 2.81 12.45 -2.43
C ILE A 10 3.86 12.03 -3.45
N GLN A 11 3.66 10.86 -4.04
CA GLN A 11 4.59 10.31 -5.02
C GLN A 11 3.87 9.38 -5.99
N SER A 12 4.63 8.83 -6.92
CA SER A 12 4.08 7.95 -7.94
C SER A 12 3.65 6.56 -7.49
N HIS A 13 2.69 6.00 -8.21
CA HIS A 13 2.23 4.66 -7.93
C HIS A 13 2.40 3.80 -9.18
N VAL A 14 2.87 2.56 -9.01
CA VAL A 14 3.01 1.62 -10.10
C VAL A 14 2.35 0.33 -9.67
N VAL A 15 1.55 -0.26 -10.56
CA VAL A 15 0.86 -1.50 -10.29
C VAL A 15 1.85 -2.56 -9.79
N ARG A 16 2.89 -2.80 -10.57
CA ARG A 16 3.92 -3.79 -10.21
C ARG A 16 5.24 -3.09 -9.86
N GLY A 17 5.99 -3.67 -8.93
CA GLY A 17 7.27 -3.09 -8.57
C GLY A 17 7.30 -2.07 -7.45
N TYR A 18 8.48 -1.53 -7.15
CA TYR A 18 8.62 -0.57 -6.08
C TYR A 18 9.41 0.69 -6.42
N VAL A 19 8.68 1.80 -6.53
CA VAL A 19 9.27 3.09 -6.80
C VAL A 19 8.25 4.07 -6.25
N GLY A 20 8.66 5.31 -6.00
CA GLY A 20 7.72 6.29 -5.46
C GLY A 20 7.01 5.80 -4.19
N ASN A 21 5.69 5.95 -4.18
CA ASN A 21 4.89 5.56 -3.04
C ASN A 21 4.89 4.07 -2.69
N ARG A 22 5.19 3.22 -3.67
CA ARG A 22 5.23 1.79 -3.42
C ARG A 22 6.48 1.43 -2.61
N ALA A 23 7.53 2.21 -2.80
CA ALA A 23 8.79 1.98 -2.12
C ALA A 23 8.79 2.61 -0.73
N ALA A 24 7.91 3.59 -0.54
CA ALA A 24 7.87 4.30 0.73
C ALA A 24 6.81 3.85 1.72
N THR A 25 5.63 3.46 1.23
CA THR A 25 4.54 3.10 2.13
C THR A 25 4.75 1.88 3.01
N PHE A 26 4.99 0.72 2.40
CA PHE A 26 5.20 -0.50 3.19
C PHE A 26 6.25 -0.27 4.30
N PRO A 27 7.40 0.32 3.95
CA PRO A 27 8.43 0.56 4.95
C PRO A 27 7.92 1.40 6.13
N LEU A 28 7.28 2.52 5.84
CA LEU A 28 6.76 3.38 6.88
C LEU A 28 5.68 2.69 7.72
N GLN A 29 4.81 1.92 7.04
CA GLN A 29 3.76 1.24 7.75
C GLN A 29 4.30 0.21 8.74
N VAL A 30 5.29 -0.59 8.34
CA VAL A 30 5.82 -1.58 9.27
C VAL A 30 6.59 -0.92 10.40
N LEU A 31 7.15 0.27 10.14
CA LEU A 31 7.88 0.99 11.18
C LEU A 31 6.92 1.71 12.13
N GLY A 32 5.62 1.53 11.92
CA GLY A 32 4.63 2.13 12.80
C GLY A 32 4.05 3.49 12.43
N PHE A 33 4.25 3.95 11.20
CA PHE A 33 3.70 5.24 10.79
C PHE A 33 2.41 5.11 10.02
N GLU A 34 1.52 6.07 10.25
CA GLU A 34 0.23 6.15 9.57
C GLU A 34 0.60 6.90 8.29
N VAL A 35 0.40 6.26 7.14
CA VAL A 35 0.75 6.87 5.86
C VAL A 35 -0.43 7.19 4.94
N ASP A 36 -0.65 8.47 4.65
CA ASP A 36 -1.72 8.87 3.74
C ASP A 36 -0.96 9.03 2.43
N ALA A 37 -1.39 8.29 1.41
CA ALA A 37 -0.68 8.34 0.16
C ALA A 37 -1.46 8.93 -0.99
N VAL A 38 -0.91 10.00 -1.56
CA VAL A 38 -1.52 10.61 -2.73
C VAL A 38 -0.66 10.09 -3.87
N ASN A 39 -1.28 9.46 -4.86
CA ASN A 39 -0.50 8.94 -5.98
C ASN A 39 -0.51 9.95 -7.10
N SER A 40 0.63 10.60 -7.28
CA SER A 40 0.79 11.61 -8.32
C SER A 40 0.55 11.07 -9.72
N VAL A 41 0.72 9.77 -9.90
CA VAL A 41 0.48 9.11 -11.19
C VAL A 41 0.20 7.65 -10.88
N GLN A 42 -0.24 6.90 -11.89
CA GLN A 42 -0.47 5.47 -11.74
C GLN A 42 -0.05 4.82 -13.04
N PHE A 43 1.09 4.14 -13.00
CA PHE A 43 1.59 3.46 -14.17
C PHE A 43 1.68 1.97 -13.91
N SER A 44 1.83 1.20 -14.97
CA SER A 44 1.92 -0.25 -14.84
C SER A 44 3.25 -0.70 -14.21
N ASN A 45 4.32 0.05 -14.46
CA ASN A 45 5.63 -0.31 -13.93
C ASN A 45 6.53 0.90 -14.13
N HIS A 46 7.79 0.84 -13.70
CA HIS A 46 8.70 1.98 -13.86
C HIS A 46 9.40 2.02 -15.21
N THR A 47 10.04 3.13 -15.50
CA THR A 47 10.69 3.34 -16.80
C THR A 47 11.92 2.52 -17.12
N GLY A 48 12.30 1.62 -16.23
CA GLY A 48 13.46 0.78 -16.51
C GLY A 48 13.06 -0.33 -17.45
N TYR A 49 11.76 -0.56 -17.56
CA TYR A 49 11.22 -1.58 -18.43
C TYR A 49 11.11 -1.05 -19.86
N SER A 50 10.93 -1.95 -20.81
CA SER A 50 10.83 -1.62 -22.23
C SER A 50 9.54 -0.86 -22.56
N HIS A 51 8.48 -1.16 -21.81
CA HIS A 51 7.19 -0.53 -22.03
C HIS A 51 6.61 -0.01 -20.72
N TRP A 52 5.61 0.85 -20.83
CA TRP A 52 4.92 1.39 -19.69
C TRP A 52 3.71 2.19 -20.11
N LYS A 53 2.62 2.01 -19.38
CA LYS A 53 1.36 2.69 -19.65
C LYS A 53 0.75 3.15 -18.34
N GLY A 54 0.04 4.28 -18.38
CA GLY A 54 -0.58 4.80 -17.18
C GLY A 54 -1.12 6.19 -17.38
N GLN A 55 -1.55 6.84 -16.32
CA GLN A 55 -2.07 8.20 -16.41
C GLN A 55 -1.44 9.09 -15.34
N VAL A 56 -1.35 10.37 -15.67
CA VAL A 56 -0.76 11.33 -14.76
C VAL A 56 -1.83 12.20 -14.11
N LEU A 57 -1.59 12.59 -12.87
CA LEU A 57 -2.52 13.43 -12.11
C LEU A 57 -2.04 14.88 -12.23
N ASN A 58 -2.90 15.79 -12.66
CA ASN A 58 -2.49 17.18 -12.79
C ASN A 58 -2.67 17.94 -11.48
N SER A 59 -2.02 19.10 -11.38
CA SER A 59 -2.06 19.92 -10.18
C SER A 59 -3.46 20.27 -9.70
N ASP A 60 -4.41 20.38 -10.62
CA ASP A 60 -5.78 20.69 -10.22
C ASP A 60 -6.40 19.50 -9.52
N GLU A 61 -6.06 18.31 -9.99
CA GLU A 61 -6.57 17.09 -9.40
C GLU A 61 -5.96 16.88 -8.03
N LEU A 62 -4.69 17.27 -7.88
CA LEU A 62 -4.00 17.16 -6.61
C LEU A 62 -4.66 18.09 -5.59
N GLN A 63 -5.07 19.26 -6.03
CA GLN A 63 -5.71 20.22 -5.14
C GLN A 63 -7.10 19.72 -4.73
N GLU A 64 -7.78 19.07 -5.66
CA GLU A 64 -9.11 18.55 -5.40
C GLU A 64 -9.08 17.48 -4.30
N LEU A 65 -8.00 16.70 -4.25
CA LEU A 65 -7.85 15.66 -3.26
C LEU A 65 -7.56 16.27 -1.89
N TYR A 66 -6.55 17.14 -1.84
CA TYR A 66 -6.19 17.81 -0.59
C TYR A 66 -7.40 18.58 -0.03
N ASP A 67 -8.21 19.14 -0.91
CA ASP A 67 -9.39 19.88 -0.48
C ASP A 67 -10.33 18.94 0.25
N GLY A 68 -10.46 17.72 -0.25
CA GLY A 68 -11.33 16.76 0.39
C GLY A 68 -10.89 16.57 1.82
N LEU A 69 -9.59 16.49 2.03
CA LEU A 69 -9.05 16.30 3.37
C LEU A 69 -9.29 17.55 4.23
N LYS A 70 -9.25 18.71 3.60
CA LYS A 70 -9.48 19.97 4.31
C LYS A 70 -10.93 20.10 4.75
N LEU A 71 -11.85 19.90 3.81
CA LEU A 71 -13.27 19.98 4.12
C LEU A 71 -13.60 19.11 5.33
N ASN A 72 -13.01 17.93 5.41
CA ASN A 72 -13.29 17.02 6.52
C ASN A 72 -12.45 17.27 7.77
N HIS A 73 -11.69 18.35 7.77
CA HIS A 73 -10.87 18.70 8.91
C HIS A 73 -9.90 17.60 9.33
N VAL A 74 -9.46 16.80 8.37
CA VAL A 74 -8.52 15.72 8.69
C VAL A 74 -7.15 16.00 8.09
N ASN A 75 -6.92 17.25 7.69
CA ASN A 75 -5.64 17.66 7.12
C ASN A 75 -4.58 18.03 8.15
N GLN A 76 -4.44 17.21 9.19
CA GLN A 76 -3.45 17.46 10.24
C GLN A 76 -2.32 16.42 10.16
N TYR A 77 -1.14 16.83 9.67
CA TYR A 77 -0.01 15.91 9.54
C TYR A 77 1.23 16.28 10.33
N ASP A 78 2.08 15.28 10.54
CA ASP A 78 3.34 15.46 11.25
C ASP A 78 4.51 15.51 10.26
N TYR A 79 4.34 14.82 9.13
CA TYR A 79 5.36 14.81 8.09
C TYR A 79 4.73 14.88 6.73
N VAL A 80 5.52 15.35 5.77
CA VAL A 80 5.10 15.43 4.38
C VAL A 80 6.30 14.85 3.70
N LEU A 81 6.08 14.01 2.69
CA LEU A 81 7.19 13.37 2.01
C LEU A 81 6.98 13.39 0.50
N THR A 82 7.91 13.99 -0.22
CA THR A 82 7.80 14.04 -1.68
C THR A 82 9.09 13.60 -2.34
N GLY A 83 8.99 13.27 -3.63
CA GLY A 83 10.14 12.84 -4.38
C GLY A 83 10.07 13.29 -5.84
N TYR A 84 10.26 12.34 -6.75
CA TYR A 84 10.25 12.60 -8.18
C TYR A 84 8.98 13.30 -8.68
N THR A 85 9.18 14.39 -9.40
CA THR A 85 8.09 15.18 -9.99
C THR A 85 8.65 15.69 -11.30
N ARG A 86 7.85 15.72 -12.35
CA ARG A 86 8.36 16.24 -13.61
C ARG A 86 7.52 17.42 -14.07
N ASP A 87 6.59 17.83 -13.21
CA ASP A 87 5.71 18.95 -13.52
C ASP A 87 5.96 20.08 -12.53
N LYS A 88 6.44 21.21 -13.04
CA LYS A 88 6.72 22.36 -12.17
C LYS A 88 5.44 22.92 -11.56
N SER A 89 4.34 22.72 -12.28
CA SER A 89 3.03 23.19 -11.84
C SER A 89 2.57 22.36 -10.64
N PHE A 90 2.86 21.07 -10.69
CA PHE A 90 2.49 20.13 -9.63
C PHE A 90 3.38 20.43 -8.41
N LEU A 91 4.66 20.64 -8.68
CA LEU A 91 5.61 20.92 -7.62
C LEU A 91 5.26 22.19 -6.85
N ALA A 92 4.73 23.19 -7.54
CA ALA A 92 4.34 24.45 -6.91
C ALA A 92 3.12 24.26 -6.00
N MET A 93 2.22 23.39 -6.42
CA MET A 93 1.02 23.10 -5.65
C MET A 93 1.41 22.43 -4.34
N VAL A 94 2.47 21.63 -4.40
CA VAL A 94 2.98 20.93 -3.23
C VAL A 94 3.51 21.92 -2.20
N VAL A 95 4.22 22.95 -2.65
CA VAL A 95 4.74 23.96 -1.74
C VAL A 95 3.59 24.69 -1.05
N ASP A 96 2.57 25.08 -1.81
CA ASP A 96 1.42 25.76 -1.20
C ASP A 96 0.84 24.88 -0.11
N ILE A 97 0.61 23.61 -0.45
CA ILE A 97 0.04 22.67 0.51
C ILE A 97 0.90 22.55 1.77
N VAL A 98 2.22 22.53 1.63
CA VAL A 98 3.09 22.42 2.79
C VAL A 98 3.04 23.66 3.69
N GLN A 99 3.11 24.85 3.11
CA GLN A 99 3.07 26.05 3.92
C GLN A 99 1.75 26.15 4.70
N GLU A 100 0.66 25.67 4.10
CA GLU A 100 -0.65 25.69 4.75
C GLU A 100 -0.60 24.73 5.93
N LEU A 101 0.01 23.57 5.74
CA LEU A 101 0.12 22.58 6.81
C LEU A 101 1.06 23.04 7.92
N LYS A 102 2.13 23.73 7.56
CA LYS A 102 3.07 24.21 8.55
C LYS A 102 2.47 25.29 9.44
N GLN A 103 1.52 26.07 8.91
CA GLN A 103 0.88 27.11 9.71
C GLN A 103 -0.02 26.41 10.73
N GLN A 104 -0.60 25.29 10.32
CA GLN A 104 -1.49 24.53 11.18
C GLN A 104 -0.72 23.69 12.21
N ASN A 105 0.53 23.37 11.88
CA ASN A 105 1.40 22.60 12.77
C ASN A 105 2.83 23.00 12.45
N PRO A 106 3.35 23.98 13.20
CA PRO A 106 4.72 24.51 13.04
C PRO A 106 5.78 23.44 13.24
N ARG A 107 5.40 22.39 13.96
CA ARG A 107 6.28 21.28 14.25
C ARG A 107 6.42 20.29 13.09
N LEU A 108 5.59 20.46 12.06
CA LEU A 108 5.61 19.56 10.91
C LEU A 108 6.98 19.51 10.24
N VAL A 109 7.41 18.31 9.85
CA VAL A 109 8.70 18.10 9.18
C VAL A 109 8.50 17.71 7.72
N TYR A 110 9.09 18.47 6.82
CA TYR A 110 8.97 18.21 5.39
C TYR A 110 10.26 17.54 4.89
N VAL A 111 10.15 16.29 4.45
CA VAL A 111 11.29 15.51 3.95
C VAL A 111 11.23 15.51 2.43
N CYS A 112 12.25 16.08 1.80
CA CYS A 112 12.30 16.20 0.35
C CYS A 112 13.52 15.62 -0.36
N ASP A 113 13.26 14.76 -1.36
CA ASP A 113 14.30 14.19 -2.18
C ASP A 113 14.09 14.89 -3.52
N PRO A 114 14.87 15.93 -3.79
CA PRO A 114 14.80 16.71 -5.02
C PRO A 114 15.34 15.97 -6.24
N VAL A 115 14.52 15.15 -6.87
CA VAL A 115 14.98 14.38 -8.02
C VAL A 115 15.12 15.18 -9.31
N MET A 116 16.28 15.07 -9.95
CA MET A 116 16.54 15.76 -11.22
C MET A 116 17.49 14.93 -12.09
N GLY A 117 17.19 14.81 -13.37
CA GLY A 117 18.07 14.03 -14.24
C GLY A 117 17.38 12.99 -15.10
N ASP A 118 18.19 12.12 -15.71
CA ASP A 118 17.72 11.05 -16.59
C ASP A 118 17.45 9.78 -15.77
N GLN A 119 16.84 9.95 -14.60
CA GLN A 119 16.53 8.85 -13.70
C GLN A 119 15.39 7.94 -14.12
N ARG A 120 15.49 6.66 -13.74
CA ARG A 120 14.43 5.72 -14.01
C ARG A 120 13.42 6.10 -12.94
N ASN A 121 12.13 6.15 -13.30
CA ASN A 121 11.11 6.56 -12.35
C ASN A 121 9.78 5.87 -12.61
N GLY A 122 8.74 6.31 -11.92
CA GLY A 122 7.43 5.71 -12.11
C GLY A 122 6.38 6.65 -12.70
N GLU A 123 6.83 7.77 -13.28
CA GLU A 123 5.91 8.72 -13.88
C GLU A 123 5.98 8.74 -15.41
N GLY A 124 6.33 7.60 -15.99
CA GLY A 124 6.42 7.46 -17.43
C GLY A 124 7.32 8.45 -18.17
N ALA A 125 8.14 9.19 -17.42
CA ALA A 125 9.03 10.19 -18.01
C ALA A 125 10.45 9.70 -18.31
N MET A 126 11.06 10.30 -19.32
CA MET A 126 12.43 9.94 -19.71
C MET A 126 13.45 10.91 -19.11
N TYR A 127 12.99 12.03 -18.59
CA TYR A 127 13.87 13.04 -17.99
C TYR A 127 13.08 14.06 -17.19
N VAL A 128 13.77 14.80 -16.34
CA VAL A 128 13.13 15.84 -15.53
C VAL A 128 13.42 17.19 -16.16
N PRO A 129 12.36 17.95 -16.52
CA PRO A 129 12.50 19.27 -17.14
C PRO A 129 13.48 20.19 -16.42
N ASP A 130 14.37 20.81 -17.19
CA ASP A 130 15.37 21.71 -16.64
C ASP A 130 14.71 22.88 -15.91
N ASP A 131 13.52 23.26 -16.34
CA ASP A 131 12.81 24.38 -15.72
C ASP A 131 12.29 24.11 -14.32
N LEU A 132 12.65 22.95 -13.76
CA LEU A 132 12.22 22.61 -12.42
C LEU A 132 13.24 23.10 -11.38
N LEU A 133 14.50 23.15 -11.78
CA LEU A 133 15.58 23.59 -10.89
C LEU A 133 15.26 24.87 -10.12
N PRO A 134 14.90 25.95 -10.84
CA PRO A 134 14.59 27.20 -10.14
C PRO A 134 13.39 27.11 -9.19
N VAL A 135 12.57 26.07 -9.35
CA VAL A 135 11.41 25.88 -8.48
C VAL A 135 11.90 25.28 -7.17
N TYR A 136 12.77 24.28 -7.28
CA TYR A 136 13.35 23.62 -6.11
C TYR A 136 14.16 24.61 -5.30
N ARG A 137 15.05 25.32 -5.99
CA ARG A 137 15.92 26.30 -5.38
C ARG A 137 15.19 27.36 -4.57
N GLU A 138 14.20 27.98 -5.20
CA GLU A 138 13.48 29.08 -4.57
C GLU A 138 12.21 28.81 -3.78
N LYS A 139 11.45 27.78 -4.17
CA LYS A 139 10.22 27.49 -3.45
C LYS A 139 10.26 26.26 -2.54
N VAL A 140 10.84 25.17 -3.03
CA VAL A 140 10.90 23.91 -2.29
C VAL A 140 11.91 23.82 -1.13
N VAL A 141 13.19 24.04 -1.42
CA VAL A 141 14.25 23.95 -0.43
C VAL A 141 14.09 24.84 0.81
N PRO A 142 13.63 26.08 0.61
CA PRO A 142 13.44 26.99 1.74
C PRO A 142 12.44 26.47 2.74
N VAL A 143 11.53 25.61 2.26
CA VAL A 143 10.48 25.03 3.08
C VAL A 143 10.80 23.62 3.60
N ALA A 144 11.78 22.97 2.97
CA ALA A 144 12.16 21.61 3.36
C ALA A 144 12.96 21.56 4.67
N ASP A 145 12.73 20.52 5.46
CA ASP A 145 13.42 20.33 6.73
C ASP A 145 14.54 19.31 6.61
N ILE A 146 14.34 18.34 5.73
CA ILE A 146 15.33 17.29 5.52
C ILE A 146 15.41 17.05 4.03
N ILE A 147 16.60 17.14 3.45
CA ILE A 147 16.74 16.90 2.02
C ILE A 147 17.73 15.78 1.72
N THR A 148 17.43 15.00 0.70
CA THR A 148 18.29 13.89 0.34
C THR A 148 18.82 13.96 -1.09
N PRO A 149 19.49 15.06 -1.46
CA PRO A 149 20.00 15.15 -2.82
C PRO A 149 21.20 14.23 -3.02
N ASN A 150 21.48 13.87 -4.27
CA ASN A 150 22.65 13.06 -4.55
C ASN A 150 23.66 14.14 -4.93
N GLN A 151 24.89 13.76 -5.24
CA GLN A 151 25.89 14.78 -5.56
C GLN A 151 25.51 15.68 -6.73
N PHE A 152 25.06 15.10 -7.83
CA PHE A 152 24.68 15.89 -8.99
C PHE A 152 23.60 16.91 -8.66
N GLU A 153 22.62 16.51 -7.87
CA GLU A 153 21.52 17.38 -7.49
C GLU A 153 21.95 18.53 -6.58
N ALA A 154 22.85 18.23 -5.63
CA ALA A 154 23.36 19.23 -4.71
C ALA A 154 24.10 20.33 -5.47
N GLU A 155 24.85 19.91 -6.49
CA GLU A 155 25.61 20.85 -7.31
C GLU A 155 24.69 21.81 -8.06
N LEU A 156 23.54 21.32 -8.51
CA LEU A 156 22.59 22.17 -9.23
C LEU A 156 21.92 23.18 -8.31
N LEU A 157 21.50 22.72 -7.13
CA LEU A 157 20.84 23.58 -6.16
C LEU A 157 21.72 24.69 -5.61
N THR A 158 23.04 24.58 -5.79
CA THR A 158 23.94 25.59 -5.25
C THR A 158 24.83 26.27 -6.27
N GLY A 159 24.80 25.78 -7.51
CA GLY A 159 25.61 26.35 -8.56
C GLY A 159 27.08 25.99 -8.45
N ARG A 160 27.45 25.41 -7.31
CA ARG A 160 28.83 25.02 -7.05
C ARG A 160 29.08 23.60 -7.59
N LYS A 161 30.35 23.23 -7.73
CA LYS A 161 30.68 21.90 -8.18
C LYS A 161 31.59 21.29 -7.12
N ILE A 162 31.32 20.02 -6.80
CA ILE A 162 32.06 19.31 -5.76
C ILE A 162 33.20 18.46 -6.31
N HIS A 163 34.42 18.81 -5.91
CA HIS A 163 35.62 18.11 -6.33
C HIS A 163 36.32 17.34 -5.20
N SER A 164 36.00 17.68 -3.96
CA SER A 164 36.60 16.99 -2.82
C SER A 164 35.63 16.87 -1.67
N GLN A 165 36.09 16.30 -0.57
CA GLN A 165 35.26 16.11 0.60
C GLN A 165 34.99 17.43 1.31
N GLU A 166 35.96 18.33 1.24
CA GLU A 166 35.82 19.64 1.87
C GLU A 166 34.81 20.45 1.06
N GLU A 167 34.86 20.27 -0.25
CA GLU A 167 33.95 20.97 -1.15
C GLU A 167 32.51 20.59 -0.83
N ALA A 168 32.29 19.31 -0.54
CA ALA A 168 30.96 18.81 -0.21
C ALA A 168 30.41 19.50 1.03
N LEU A 169 31.16 19.46 2.11
CA LEU A 169 30.74 20.09 3.36
C LEU A 169 30.44 21.56 3.12
N GLU A 170 31.11 22.11 2.12
CA GLU A 170 30.96 23.51 1.76
C GLU A 170 29.59 23.74 1.09
N VAL A 171 29.19 22.80 0.24
CA VAL A 171 27.90 22.89 -0.42
C VAL A 171 26.80 22.58 0.58
N MET A 172 27.03 21.58 1.43
CA MET A 172 26.03 21.21 2.42
C MET A 172 25.69 22.38 3.33
N ASP A 173 26.69 23.16 3.68
CA ASP A 173 26.50 24.33 4.54
C ASP A 173 25.61 25.36 3.83
N MET A 174 25.83 25.52 2.53
CA MET A 174 25.06 26.44 1.72
C MET A 174 23.60 26.02 1.74
N LEU A 175 23.38 24.71 1.68
CA LEU A 175 22.04 24.15 1.70
C LEU A 175 21.36 24.44 3.03
N HIS A 176 22.10 24.30 4.12
CA HIS A 176 21.53 24.59 5.42
C HIS A 176 21.02 26.04 5.40
N SER A 177 21.91 26.97 5.04
CA SER A 177 21.56 28.38 4.98
C SER A 177 20.31 28.63 4.14
N MET A 178 20.04 27.76 3.17
CA MET A 178 18.87 27.90 2.32
C MET A 178 17.59 27.46 3.04
N GLY A 179 17.74 26.72 4.13
CA GLY A 179 16.56 26.30 4.85
C GLY A 179 16.62 25.00 5.65
N PRO A 180 16.81 23.86 5.00
CA PRO A 180 16.87 22.56 5.68
C PRO A 180 17.94 22.37 6.75
N ASP A 181 17.50 22.00 7.96
CA ASP A 181 18.40 21.76 9.08
C ASP A 181 19.16 20.44 8.94
N THR A 182 18.71 19.57 8.03
CA THR A 182 19.36 18.30 7.83
C THR A 182 19.54 18.06 6.35
N VAL A 183 20.76 17.76 5.95
CA VAL A 183 21.07 17.48 4.56
C VAL A 183 21.86 16.19 4.49
N VAL A 184 21.63 15.43 3.43
CA VAL A 184 22.35 14.18 3.24
C VAL A 184 22.59 13.93 1.77
N ILE A 185 23.86 13.91 1.37
CA ILE A 185 24.20 13.63 -0.01
C ILE A 185 24.28 12.11 -0.02
N THR A 186 23.27 11.49 -0.62
CA THR A 186 23.14 10.04 -0.71
C THR A 186 24.20 9.27 -1.49
N SER A 187 24.80 9.90 -2.50
CA SER A 187 25.84 9.24 -3.28
C SER A 187 26.68 10.27 -4.01
N SER A 188 27.99 10.06 -4.02
CA SER A 188 28.88 11.01 -4.69
C SER A 188 29.94 10.30 -5.53
N ASN A 189 30.57 11.08 -6.42
CA ASN A 189 31.63 10.59 -7.28
C ASN A 189 32.90 10.50 -6.45
N LEU A 190 32.89 11.14 -5.29
CA LEU A 190 34.03 11.15 -4.39
C LEU A 190 34.65 9.78 -4.14
N LEU A 191 35.98 9.76 -4.18
CA LEU A 191 36.72 8.54 -3.97
C LEU A 191 36.93 8.25 -2.49
N SER A 192 36.26 7.21 -2.01
CA SER A 192 36.37 6.80 -0.61
C SER A 192 37.80 6.37 -0.32
N PRO A 193 38.37 6.83 0.81
CA PRO A 193 39.74 6.46 1.17
C PRO A 193 39.78 4.94 1.28
N ARG A 194 38.60 4.39 1.57
CA ARG A 194 38.36 2.98 1.77
C ARG A 194 38.52 2.10 0.53
N GLY A 195 38.48 2.72 -0.65
CA GLY A 195 38.61 1.98 -1.89
C GLY A 195 37.71 2.58 -2.95
N SER A 196 37.91 2.21 -4.21
CA SER A 196 37.09 2.74 -5.29
C SER A 196 35.76 2.00 -5.45
N ASP A 197 35.58 0.93 -4.69
CA ASP A 197 34.34 0.17 -4.80
C ASP A 197 33.33 0.52 -3.72
N TYR A 198 33.59 1.61 -3.01
CA TYR A 198 32.67 2.05 -1.99
C TYR A 198 32.04 3.36 -2.42
N LEU A 199 30.76 3.50 -2.16
CA LEU A 199 30.04 4.71 -2.48
C LEU A 199 30.10 5.53 -1.20
N MET A 200 30.36 6.82 -1.34
CA MET A 200 30.43 7.66 -0.17
C MET A 200 29.16 8.50 -0.02
N ALA A 201 28.69 8.59 1.22
CA ALA A 201 27.51 9.36 1.55
C ALA A 201 27.91 10.32 2.64
N LEU A 202 27.42 11.55 2.55
CA LEU A 202 27.75 12.56 3.56
C LEU A 202 26.47 13.07 4.19
N GLY A 203 26.54 13.39 5.47
CA GLY A 203 25.37 13.89 6.16
C GLY A 203 25.73 15.03 7.07
N SER A 204 24.80 15.96 7.24
CA SER A 204 25.02 17.11 8.09
C SER A 204 23.74 17.50 8.80
N GLN A 205 23.85 17.92 10.04
CA GLN A 205 22.65 18.30 10.78
C GLN A 205 22.89 19.45 11.75
N ARG A 206 22.03 20.45 11.68
CA ARG A 206 22.12 21.62 12.56
C ARG A 206 21.10 21.57 13.68
N THR A 207 21.50 22.02 14.86
CA THR A 207 20.62 22.06 16.02
C THR A 207 20.87 23.38 16.75
N ARG A 208 19.80 24.13 16.95
CA ARG A 208 19.87 25.43 17.62
C ARG A 208 19.99 25.24 19.14
N ALA A 209 21.18 24.87 19.62
CA ALA A 209 21.41 24.66 21.04
C ALA A 209 21.40 25.97 21.83
N VAL A 214 24.38 27.76 17.58
CA VAL A 214 23.88 26.60 16.85
C VAL A 214 24.94 25.54 16.54
N VAL A 215 24.64 24.31 16.94
CA VAL A 215 25.53 23.17 16.77
C VAL A 215 25.43 22.55 15.37
N THR A 216 26.37 21.66 15.05
CA THR A 216 26.40 20.98 13.77
C THR A 216 27.08 19.61 13.87
N GLN A 217 26.44 18.57 13.34
CA GLN A 217 27.01 17.23 13.33
C GLN A 217 27.22 16.84 11.88
N ARG A 218 28.42 16.41 11.54
CA ARG A 218 28.70 16.00 10.19
C ARG A 218 29.14 14.55 10.26
N ILE A 219 28.76 13.76 9.25
CA ILE A 219 29.13 12.36 9.22
C ILE A 219 29.46 11.90 7.81
N ARG A 220 30.10 10.75 7.75
CA ARG A 220 30.48 10.17 6.47
C ARG A 220 30.29 8.66 6.55
N MET A 221 29.85 8.07 5.45
CA MET A 221 29.63 6.63 5.38
C MET A 221 30.10 6.05 4.07
N GLU A 222 30.71 4.88 4.16
CA GLU A 222 31.20 4.17 3.00
C GLU A 222 30.26 2.98 2.84
N MET A 223 29.79 2.74 1.64
CA MET A 223 28.89 1.63 1.39
C MET A 223 29.46 0.93 0.18
N HIS A 224 29.62 -0.38 0.24
CA HIS A 224 30.16 -1.10 -0.91
C HIS A 224 29.13 -1.16 -2.04
N LYS A 225 29.55 -0.85 -3.25
CA LYS A 225 28.66 -0.86 -4.40
C LYS A 225 28.09 -2.26 -4.66
N VAL A 226 26.91 -2.31 -5.23
CA VAL A 226 26.30 -3.57 -5.58
C VAL A 226 26.31 -3.56 -7.11
N ASP A 227 26.78 -4.64 -7.72
CA ASP A 227 26.88 -4.72 -9.16
C ASP A 227 25.55 -4.85 -9.91
N ALA A 228 24.69 -3.87 -9.76
CA ALA A 228 23.40 -3.89 -10.44
C ALA A 228 22.80 -2.50 -10.42
N VAL A 229 21.78 -2.30 -11.24
CA VAL A 229 21.11 -1.01 -11.31
C VAL A 229 19.72 -1.16 -10.74
N PHE A 230 19.43 -0.43 -9.67
CA PHE A 230 18.12 -0.51 -9.03
C PHE A 230 17.29 0.73 -9.24
N VAL A 231 15.99 0.57 -9.09
CA VAL A 231 15.07 1.68 -9.24
C VAL A 231 14.27 1.77 -7.96
N GLY A 232 14.10 3.00 -7.48
CA GLY A 232 13.34 3.22 -6.26
C GLY A 232 14.16 3.27 -5.00
N THR A 233 15.47 3.05 -5.11
CA THR A 233 16.31 3.07 -3.92
C THR A 233 16.30 4.43 -3.25
N GLY A 234 16.28 5.49 -4.04
CA GLY A 234 16.26 6.82 -3.48
C GLY A 234 14.98 7.04 -2.69
N ASP A 235 13.88 6.47 -3.16
CA ASP A 235 12.62 6.62 -2.45
C ASP A 235 12.62 5.83 -1.13
N LEU A 236 13.18 4.63 -1.15
CA LEU A 236 13.24 3.78 0.05
C LEU A 236 14.11 4.44 1.12
N PHE A 237 15.18 5.07 0.67
CA PHE A 237 16.11 5.75 1.55
C PHE A 237 15.43 6.88 2.34
N ALA A 238 14.81 7.80 1.61
CA ALA A 238 14.15 8.96 2.21
C ALA A 238 13.06 8.55 3.20
N ALA A 239 12.30 7.51 2.86
CA ALA A 239 11.24 7.03 3.73
C ALA A 239 11.78 6.45 5.03
N MET A 240 12.84 5.66 4.96
CA MET A 240 13.40 5.07 6.18
C MET A 240 14.20 6.10 6.98
N LEU A 241 14.83 7.04 6.28
CA LEU A 241 15.57 8.10 6.98
C LEU A 241 14.56 8.85 7.82
N LEU A 242 13.38 9.09 7.24
CA LEU A 242 12.30 9.78 7.92
C LEU A 242 11.97 9.07 9.22
N ALA A 243 11.77 7.76 9.15
CA ALA A 243 11.42 7.01 10.34
C ALA A 243 12.51 7.03 11.41
N TRP A 244 13.74 6.76 11.00
CA TRP A 244 14.85 6.74 11.93
C TRP A 244 15.23 8.10 12.53
N THR A 245 15.04 9.18 11.79
CA THR A 245 15.36 10.50 12.34
C THR A 245 14.35 10.80 13.44
N HIS A 246 13.13 10.28 13.26
CA HIS A 246 12.09 10.51 14.25
C HIS A 246 12.45 9.84 15.57
N LYS A 247 12.88 8.57 15.49
CA LYS A 247 13.25 7.79 16.66
C LYS A 247 14.54 8.28 17.32
N HIS A 248 15.40 8.95 16.54
CA HIS A 248 16.67 9.48 17.04
C HIS A 248 16.79 10.90 16.50
N PRO A 249 16.00 11.83 17.04
CA PRO A 249 15.97 13.23 16.63
C PRO A 249 17.27 14.04 16.64
N ASN A 250 18.13 13.78 17.61
CA ASN A 250 19.38 14.55 17.65
C ASN A 250 20.63 13.74 17.35
N ASN A 251 20.42 12.53 16.83
CA ASN A 251 21.53 11.64 16.51
C ASN A 251 21.48 11.21 15.05
N LEU A 252 22.01 12.04 14.16
CA LEU A 252 22.01 11.72 12.75
C LEU A 252 22.91 10.53 12.42
N LYS A 253 23.88 10.27 13.29
CA LYS A 253 24.82 9.17 13.09
C LYS A 253 24.08 7.83 13.18
N VAL A 254 23.36 7.64 14.27
CA VAL A 254 22.61 6.42 14.49
C VAL A 254 21.48 6.28 13.47
N ALA A 255 20.81 7.39 13.17
CA ALA A 255 19.72 7.43 12.23
C ALA A 255 20.14 6.94 10.86
N CYS A 256 21.30 7.41 10.40
CA CYS A 256 21.83 7.02 9.11
C CYS A 256 22.37 5.59 9.12
N GLU A 257 22.99 5.21 10.23
CA GLU A 257 23.53 3.88 10.34
C GLU A 257 22.45 2.82 10.17
N LYS A 258 21.29 3.05 10.77
CA LYS A 258 20.20 2.10 10.60
C LYS A 258 19.62 2.17 9.19
N THR A 259 19.45 3.37 8.67
CA THR A 259 18.89 3.53 7.32
C THR A 259 19.75 2.87 6.26
N VAL A 260 21.04 3.11 6.33
CA VAL A 260 21.99 2.54 5.38
C VAL A 260 22.13 1.04 5.55
N SER A 261 22.07 0.56 6.79
CA SER A 261 22.15 -0.88 7.02
C SER A 261 20.96 -1.56 6.37
N ALA A 262 19.75 -1.11 6.72
CA ALA A 262 18.52 -1.65 6.15
C ALA A 262 18.66 -1.73 4.65
N MET A 263 19.15 -0.64 4.07
CA MET A 263 19.34 -0.57 2.63
C MET A 263 20.19 -1.74 2.14
N HIS A 264 21.35 -1.93 2.78
CA HIS A 264 22.26 -3.00 2.39
C HIS A 264 21.56 -4.36 2.43
N HIS A 265 20.76 -4.59 3.46
CA HIS A 265 20.07 -5.86 3.56
C HIS A 265 19.09 -6.06 2.41
N VAL A 266 18.32 -5.02 2.10
CA VAL A 266 17.34 -5.15 1.02
C VAL A 266 18.01 -5.42 -0.33
N LEU A 267 19.07 -4.67 -0.63
CA LEU A 267 19.78 -4.85 -1.89
C LEU A 267 20.45 -6.21 -1.99
N GLN A 268 21.03 -6.68 -0.90
CA GLN A 268 21.67 -8.00 -0.93
C GLN A 268 20.60 -9.05 -1.21
N ARG A 269 19.48 -8.99 -0.49
CA ARG A 269 18.43 -9.96 -0.72
C ARG A 269 17.90 -9.84 -2.15
N THR A 270 17.92 -8.65 -2.72
CA THR A 270 17.42 -8.43 -4.06
C THR A 270 18.36 -8.99 -5.13
N ILE A 271 19.64 -8.68 -5.05
CA ILE A 271 20.58 -9.16 -6.06
C ILE A 271 20.74 -10.68 -6.01
N LYS A 272 20.68 -11.26 -4.82
CA LYS A 272 20.80 -12.71 -4.71
C LYS A 272 19.64 -13.43 -5.38
N CYS A 273 18.41 -13.00 -5.12
CA CYS A 273 17.24 -13.60 -5.72
C CYS A 273 17.18 -13.37 -7.24
N ALA A 274 17.62 -12.19 -7.68
CA ALA A 274 17.60 -11.86 -9.10
C ALA A 274 18.51 -12.81 -9.89
N LYS A 275 19.72 -13.02 -9.40
CA LYS A 275 20.61 -13.93 -10.09
C LYS A 275 20.08 -15.35 -10.02
N ALA A 276 19.38 -15.68 -8.95
CA ALA A 276 18.81 -17.01 -8.79
C ALA A 276 17.71 -17.29 -9.81
N LYS A 277 16.87 -16.26 -10.07
CA LYS A 277 15.75 -16.40 -11.00
C LYS A 277 16.16 -16.34 -12.46
N SER A 278 17.26 -15.66 -12.75
CA SER A 278 17.74 -15.57 -14.13
C SER A 278 18.68 -16.74 -14.40
N GLY A 279 18.84 -17.08 -15.69
CA GLY A 279 19.72 -18.19 -16.02
C GLY A 279 21.14 -17.93 -15.54
N GLU A 280 22.00 -18.92 -15.69
CA GLU A 280 23.39 -18.76 -15.27
C GLU A 280 24.13 -17.94 -16.31
N GLY A 281 24.98 -17.03 -15.84
CA GLY A 281 25.71 -16.18 -16.76
C GLY A 281 24.77 -15.24 -17.49
N VAL A 282 23.53 -15.18 -17.01
CA VAL A 282 22.52 -14.32 -17.59
C VAL A 282 22.37 -13.10 -16.70
N LYS A 283 22.48 -11.92 -17.28
CA LYS A 283 22.35 -10.68 -16.54
C LYS A 283 20.90 -10.47 -16.14
N PRO A 284 20.65 -10.08 -14.89
CA PRO A 284 19.28 -9.85 -14.42
C PRO A 284 18.60 -8.68 -15.14
N SER A 285 17.33 -8.88 -15.47
CA SER A 285 16.52 -7.86 -16.14
C SER A 285 15.84 -6.97 -15.10
N PRO A 286 15.45 -5.75 -15.49
CA PRO A 286 14.79 -4.84 -14.55
C PRO A 286 13.67 -5.51 -13.76
N ALA A 287 12.89 -6.36 -14.43
CA ALA A 287 11.78 -7.07 -13.79
C ALA A 287 12.26 -7.99 -12.68
N GLN A 288 13.43 -8.59 -12.88
CA GLN A 288 13.97 -9.50 -11.88
C GLN A 288 14.66 -8.70 -10.78
N LEU A 289 14.99 -7.45 -11.08
CA LEU A 289 15.67 -6.60 -10.10
C LEU A 289 14.76 -5.77 -9.21
N GLU A 290 13.46 -5.92 -9.36
CA GLU A 290 12.52 -5.18 -8.51
C GLU A 290 12.87 -5.52 -7.06
N LEU A 291 12.93 -4.51 -6.21
CA LEU A 291 13.28 -4.71 -4.80
C LEU A 291 12.44 -5.76 -4.07
N ARG A 292 13.11 -6.66 -3.36
CA ARG A 292 12.45 -7.69 -2.57
C ARG A 292 12.05 -7.03 -1.24
N MET A 293 11.04 -6.17 -1.34
CA MET A 293 10.49 -5.39 -0.22
C MET A 293 9.80 -6.21 0.86
N VAL A 294 8.74 -6.91 0.44
CA VAL A 294 7.95 -7.74 1.35
C VAL A 294 8.79 -8.77 2.11
N GLN A 295 9.80 -9.33 1.45
CA GLN A 295 10.66 -10.32 2.08
C GLN A 295 11.74 -9.72 3.00
N SER A 296 11.91 -8.40 2.97
CA SER A 296 12.91 -7.75 3.82
C SER A 296 12.24 -7.11 5.02
N LYS A 297 11.01 -7.51 5.30
CA LYS A 297 10.26 -6.96 6.41
C LYS A 297 11.02 -6.90 7.74
N LYS A 298 11.61 -8.03 8.14
CA LYS A 298 12.34 -8.07 9.41
C LYS A 298 13.61 -7.21 9.37
N ASP A 299 14.20 -7.07 8.19
CA ASP A 299 15.41 -6.29 8.05
C ASP A 299 15.12 -4.79 8.06
N ILE A 300 13.89 -4.43 7.73
CA ILE A 300 13.49 -3.03 7.74
C ILE A 300 13.08 -2.63 9.16
N GLU A 301 12.36 -3.52 9.84
CA GLU A 301 11.93 -3.27 11.20
C GLU A 301 13.09 -3.15 12.19
N SER A 302 14.06 -4.05 12.06
CA SER A 302 15.19 -4.07 12.97
C SER A 302 16.45 -4.49 12.21
N PRO A 303 17.09 -3.53 11.52
CA PRO A 303 18.30 -3.86 10.75
C PRO A 303 19.56 -4.05 11.57
N GLU A 304 20.32 -5.10 11.24
CA GLU A 304 21.57 -5.36 11.92
C GLU A 304 22.55 -4.33 11.34
N ILE A 305 23.19 -3.55 12.21
CA ILE A 305 24.13 -2.55 11.74
C ILE A 305 25.31 -3.21 11.02
N VAL A 306 25.63 -2.72 9.84
CA VAL A 306 26.75 -3.29 9.10
C VAL A 306 27.66 -2.18 8.63
N VAL A 307 27.38 -0.95 9.08
CA VAL A 307 28.18 0.21 8.71
C VAL A 307 28.39 1.14 9.89
N GLN A 308 29.56 1.75 9.96
CA GLN A 308 29.86 2.67 11.04
C GLN A 308 30.11 4.01 10.43
N ALA A 309 29.30 5.00 10.79
CA ALA A 309 29.46 6.34 10.27
C ALA A 309 30.53 7.06 11.09
N THR A 310 31.53 7.58 10.39
CA THR A 310 32.60 8.31 11.05
C THR A 310 32.20 9.77 11.23
N VAL A 311 32.36 10.27 12.45
CA VAL A 311 32.01 11.66 12.74
C VAL A 311 33.12 12.55 12.20
N LEU A 312 32.76 13.56 11.41
CA LEU A 312 33.76 14.46 10.86
C LEU A 312 33.91 15.73 11.69
N GLU B 4 6.81 -18.09 -3.36
CA GLU B 4 6.60 -16.83 -4.19
C GLU B 4 5.18 -16.72 -4.68
N CYS B 5 4.37 -15.90 -3.99
CA CYS B 5 2.99 -15.75 -4.40
C CYS B 5 2.64 -14.31 -4.71
N ARG B 6 2.16 -14.08 -5.93
CA ARG B 6 1.79 -12.76 -6.43
C ARG B 6 0.29 -12.61 -6.61
N VAL B 7 -0.23 -11.52 -6.06
CA VAL B 7 -1.64 -11.20 -6.07
C VAL B 7 -1.87 -9.92 -6.88
N LEU B 8 -2.89 -9.97 -7.74
CA LEU B 8 -3.27 -8.80 -8.52
C LEU B 8 -4.59 -8.32 -7.88
N SER B 9 -4.53 -7.20 -7.19
CA SER B 9 -5.70 -6.63 -6.53
C SER B 9 -6.20 -5.35 -7.22
N ILE B 10 -7.43 -5.41 -7.71
CA ILE B 10 -8.08 -4.30 -8.40
C ILE B 10 -9.19 -3.76 -7.51
N GLN B 11 -8.92 -2.66 -6.80
CA GLN B 11 -9.90 -2.07 -5.89
C GLN B 11 -9.66 -0.58 -5.73
N SER B 12 -10.57 0.11 -5.04
CA SER B 12 -10.45 1.55 -4.85
C SER B 12 -9.32 1.93 -3.92
N HIS B 13 -8.89 3.19 -4.02
CA HIS B 13 -7.81 3.71 -3.18
C HIS B 13 -8.26 5.03 -2.56
N VAL B 14 -7.87 5.26 -1.31
CA VAL B 14 -8.19 6.51 -0.63
C VAL B 14 -6.91 7.02 -0.01
N VAL B 15 -6.71 8.33 -0.08
CA VAL B 15 -5.51 8.95 0.47
C VAL B 15 -5.42 8.66 1.96
N ARG B 16 -6.52 8.90 2.66
CA ARG B 16 -6.62 8.69 4.10
C ARG B 16 -7.59 7.55 4.41
N GLY B 17 -7.27 6.73 5.39
CA GLY B 17 -8.17 5.67 5.78
C GLY B 17 -7.92 4.30 5.18
N TYR B 18 -8.82 3.37 5.50
CA TYR B 18 -8.68 2.01 5.02
C TYR B 18 -9.93 1.42 4.41
N VAL B 19 -9.89 1.28 3.09
CA VAL B 19 -10.99 0.74 2.33
C VAL B 19 -10.40 0.29 1.00
N GLY B 20 -10.99 -0.73 0.38
CA GLY B 20 -10.49 -1.21 -0.90
C GLY B 20 -9.06 -1.71 -0.83
N ASN B 21 -8.23 -1.23 -1.75
CA ASN B 21 -6.83 -1.64 -1.79
C ASN B 21 -6.03 -1.19 -0.56
N ARG B 22 -6.54 -0.19 0.15
CA ARG B 22 -5.85 0.29 1.35
C ARG B 22 -6.06 -0.71 2.47
N ALA B 23 -7.23 -1.34 2.50
CA ALA B 23 -7.53 -2.31 3.53
C ALA B 23 -6.90 -3.66 3.21
N ALA B 24 -6.63 -3.88 1.93
CA ALA B 24 -6.09 -5.15 1.49
C ALA B 24 -4.58 -5.28 1.27
N THR B 25 -3.93 -4.22 0.81
CA THR B 25 -2.50 -4.33 0.54
C THR B 25 -1.58 -4.59 1.73
N PHE B 26 -1.66 -3.75 2.76
CA PHE B 26 -0.79 -3.92 3.92
C PHE B 26 -0.91 -5.31 4.54
N PRO B 27 -2.14 -5.82 4.74
CA PRO B 27 -2.29 -7.16 5.34
C PRO B 27 -1.58 -8.26 4.54
N LEU B 28 -1.81 -8.29 3.22
CA LEU B 28 -1.16 -9.30 2.39
C LEU B 28 0.36 -9.12 2.35
N GLN B 29 0.83 -7.89 2.45
CA GLN B 29 2.27 -7.66 2.44
C GLN B 29 2.93 -8.18 3.71
N VAL B 30 2.32 -7.92 4.87
CA VAL B 30 2.93 -8.41 6.10
C VAL B 30 2.82 -9.93 6.18
N LEU B 31 1.89 -10.50 5.43
CA LEU B 31 1.69 -11.95 5.42
C LEU B 31 2.59 -12.62 4.40
N GLY B 32 3.37 -11.83 3.67
CA GLY B 32 4.29 -12.44 2.72
C GLY B 32 3.92 -12.47 1.25
N PHE B 33 2.76 -11.92 0.90
CA PHE B 33 2.39 -11.92 -0.51
C PHE B 33 2.89 -10.69 -1.25
N GLU B 34 3.20 -10.89 -2.53
CA GLU B 34 3.66 -9.84 -3.41
C GLU B 34 2.36 -9.30 -4.03
N VAL B 35 2.02 -8.05 -3.73
CA VAL B 35 0.78 -7.44 -4.22
C VAL B 35 0.94 -6.38 -5.28
N ASP B 36 0.30 -6.60 -6.43
CA ASP B 36 0.34 -5.64 -7.52
C ASP B 36 -1.01 -4.97 -7.40
N ALA B 37 -1.02 -3.65 -7.20
CA ALA B 37 -2.30 -2.98 -7.00
C ALA B 37 -2.75 -2.01 -8.06
N VAL B 38 -3.90 -2.30 -8.64
CA VAL B 38 -4.49 -1.46 -9.65
C VAL B 38 -5.53 -0.66 -8.86
N ASN B 39 -5.41 0.66 -8.84
CA ASN B 39 -6.39 1.45 -8.10
C ASN B 39 -7.53 1.87 -9.04
N SER B 40 -8.72 1.31 -8.83
CA SER B 40 -9.85 1.63 -9.68
C SER B 40 -10.31 3.09 -9.57
N VAL B 41 -9.95 3.74 -8.46
CA VAL B 41 -10.28 5.15 -8.21
C VAL B 41 -9.31 5.68 -7.16
N GLN B 42 -9.32 6.99 -6.96
CA GLN B 42 -8.50 7.61 -5.93
C GLN B 42 -9.26 8.77 -5.34
N PHE B 43 -9.75 8.57 -4.11
CA PHE B 43 -10.49 9.60 -3.40
C PHE B 43 -9.69 10.02 -2.18
N SER B 44 -10.17 11.05 -1.50
CA SER B 44 -9.49 11.56 -0.32
C SER B 44 -9.77 10.68 0.90
N ASN B 45 -10.98 10.14 0.95
CA ASN B 45 -11.43 9.32 2.08
C ASN B 45 -12.66 8.56 1.62
N HIS B 46 -13.18 7.66 2.44
CA HIS B 46 -14.37 6.91 2.04
C HIS B 46 -15.64 7.73 2.12
N THR B 47 -16.70 7.22 1.50
CA THR B 47 -18.00 7.89 1.44
C THR B 47 -18.75 8.05 2.77
N GLY B 48 -18.20 7.51 3.85
CA GLY B 48 -18.84 7.64 5.14
C GLY B 48 -18.70 9.06 5.68
N TYR B 49 -17.68 9.77 5.23
CA TYR B 49 -17.45 11.13 5.68
C TYR B 49 -18.44 12.03 4.98
N SER B 50 -18.58 13.25 5.46
CA SER B 50 -19.53 14.21 4.90
C SER B 50 -19.06 14.73 3.55
N HIS B 51 -17.75 14.74 3.34
CA HIS B 51 -17.19 15.21 2.10
C HIS B 51 -16.24 14.17 1.54
N TRP B 52 -15.95 14.27 0.25
CA TRP B 52 -15.03 13.37 -0.41
C TRP B 52 -14.82 13.85 -1.83
N LYS B 53 -13.57 13.79 -2.28
CA LYS B 53 -13.24 14.23 -3.63
C LYS B 53 -12.20 13.28 -4.22
N GLY B 54 -12.22 13.12 -5.54
CA GLY B 54 -11.25 12.24 -6.15
C GLY B 54 -11.55 11.96 -7.61
N GLN B 55 -10.80 11.03 -8.18
CA GLN B 55 -11.00 10.67 -9.57
C GLN B 55 -11.34 9.19 -9.72
N VAL B 56 -11.88 8.83 -10.87
CA VAL B 56 -12.23 7.45 -11.15
C VAL B 56 -11.55 7.00 -12.44
N LEU B 57 -11.37 5.69 -12.58
CA LEU B 57 -10.76 5.11 -13.77
C LEU B 57 -11.89 4.48 -14.59
N ASN B 58 -11.81 4.58 -15.91
CA ASN B 58 -12.82 3.92 -16.73
C ASN B 58 -12.19 2.60 -17.18
N SER B 59 -13.02 1.72 -17.72
CA SER B 59 -12.53 0.42 -18.18
C SER B 59 -11.36 0.54 -19.15
N ASP B 60 -11.31 1.61 -19.93
CA ASP B 60 -10.20 1.77 -20.87
C ASP B 60 -8.86 2.00 -20.19
N GLU B 61 -8.85 2.81 -19.15
CA GLU B 61 -7.61 3.07 -18.43
C GLU B 61 -7.15 1.80 -17.74
N LEU B 62 -8.10 0.99 -17.30
CA LEU B 62 -7.79 -0.27 -16.65
C LEU B 62 -7.08 -1.14 -17.68
N GLN B 63 -7.66 -1.23 -18.87
CA GLN B 63 -7.05 -2.05 -19.90
C GLN B 63 -5.63 -1.58 -20.23
N GLU B 64 -5.41 -0.26 -20.22
CA GLU B 64 -4.10 0.28 -20.50
C GLU B 64 -3.06 -0.26 -19.52
N LEU B 65 -3.39 -0.19 -18.24
CA LEU B 65 -2.50 -0.66 -17.20
C LEU B 65 -2.17 -2.14 -17.36
N TYR B 66 -3.16 -2.92 -17.77
CA TYR B 66 -2.97 -4.34 -17.96
C TYR B 66 -2.08 -4.61 -19.18
N ASP B 67 -2.31 -3.87 -20.25
CA ASP B 67 -1.50 -4.02 -21.47
C ASP B 67 -0.03 -3.77 -21.17
N GLY B 68 0.24 -2.84 -20.24
CA GLY B 68 1.60 -2.54 -19.86
C GLY B 68 2.26 -3.73 -19.18
N LEU B 69 1.49 -4.45 -18.38
CA LEU B 69 2.02 -5.62 -17.70
C LEU B 69 2.25 -6.69 -18.75
N LYS B 70 1.26 -6.83 -19.64
CA LYS B 70 1.30 -7.82 -20.71
C LYS B 70 2.48 -7.58 -21.66
N LEU B 71 2.65 -6.35 -22.12
CA LEU B 71 3.74 -6.01 -23.03
C LEU B 71 5.11 -6.35 -22.45
N ASN B 72 5.23 -6.28 -21.13
CA ASN B 72 6.50 -6.58 -20.46
C ASN B 72 6.60 -8.04 -20.04
N HIS B 73 5.60 -8.84 -20.42
CA HIS B 73 5.58 -10.26 -20.09
C HIS B 73 5.61 -10.54 -18.61
N VAL B 74 5.01 -9.66 -17.81
CA VAL B 74 4.97 -9.88 -16.37
C VAL B 74 3.52 -9.99 -15.90
N ASN B 75 2.64 -10.49 -16.77
CA ASN B 75 1.25 -10.66 -16.39
C ASN B 75 0.99 -12.09 -15.88
N GLN B 76 1.84 -12.54 -14.95
CA GLN B 76 1.72 -13.86 -14.33
C GLN B 76 1.27 -13.69 -12.89
N TYR B 77 0.09 -14.20 -12.55
CA TYR B 77 -0.41 -14.08 -11.18
C TYR B 77 -0.95 -15.38 -10.59
N ASP B 78 -0.84 -15.49 -9.27
CA ASP B 78 -1.33 -16.66 -8.57
C ASP B 78 -2.73 -16.37 -8.05
N TYR B 79 -3.01 -15.09 -7.79
CA TYR B 79 -4.32 -14.68 -7.29
C TYR B 79 -4.75 -13.35 -7.88
N VAL B 80 -6.06 -13.20 -8.06
CA VAL B 80 -6.64 -11.96 -8.52
C VAL B 80 -7.65 -11.69 -7.41
N LEU B 81 -7.74 -10.46 -6.96
CA LEU B 81 -8.65 -10.11 -5.88
C LEU B 81 -9.39 -8.83 -6.22
N THR B 82 -10.72 -8.89 -6.26
CA THR B 82 -11.53 -7.71 -6.57
C THR B 82 -12.62 -7.50 -5.53
N GLY B 83 -13.10 -6.27 -5.42
CA GLY B 83 -14.16 -5.96 -4.48
C GLY B 83 -15.18 -5.01 -5.10
N TYR B 84 -15.46 -3.92 -4.41
CA TYR B 84 -16.42 -2.94 -4.89
C TYR B 84 -16.09 -2.37 -6.28
N THR B 85 -17.12 -2.31 -7.12
CA THR B 85 -17.02 -1.76 -8.48
C THR B 85 -18.36 -1.10 -8.76
N ARG B 86 -18.35 0.13 -9.26
CA ARG B 86 -19.61 0.83 -9.53
C ARG B 86 -20.10 0.75 -10.97
N ASP B 87 -19.21 0.53 -11.93
CA ASP B 87 -19.66 0.47 -13.31
C ASP B 87 -19.45 -0.89 -13.97
N LYS B 88 -20.48 -1.36 -14.66
CA LYS B 88 -20.43 -2.67 -15.30
C LYS B 88 -19.33 -2.88 -16.35
N SER B 89 -18.99 -1.84 -17.10
CA SER B 89 -17.93 -1.98 -18.10
C SER B 89 -16.63 -2.38 -17.41
N PHE B 90 -16.36 -1.73 -16.30
CA PHE B 90 -15.16 -1.99 -15.54
C PHE B 90 -15.15 -3.46 -15.10
N LEU B 91 -16.28 -3.90 -14.55
CA LEU B 91 -16.41 -5.26 -14.06
C LEU B 91 -16.25 -6.29 -15.19
N ALA B 92 -16.85 -6.01 -16.33
CA ALA B 92 -16.77 -6.92 -17.46
C ALA B 92 -15.32 -6.99 -17.91
N MET B 93 -14.65 -5.84 -17.83
CA MET B 93 -13.25 -5.74 -18.20
C MET B 93 -12.41 -6.62 -17.25
N VAL B 94 -12.79 -6.68 -15.98
CA VAL B 94 -12.06 -7.50 -15.03
C VAL B 94 -12.15 -8.99 -15.38
N VAL B 95 -13.33 -9.42 -15.82
CA VAL B 95 -13.54 -10.81 -16.19
C VAL B 95 -12.69 -11.23 -17.38
N ASP B 96 -12.55 -10.33 -18.36
CA ASP B 96 -11.73 -10.62 -19.53
C ASP B 96 -10.32 -10.89 -19.04
N ILE B 97 -9.89 -10.05 -18.10
CA ILE B 97 -8.57 -10.16 -17.50
C ILE B 97 -8.39 -11.46 -16.74
N VAL B 98 -9.34 -11.78 -15.87
CA VAL B 98 -9.23 -13.00 -15.09
C VAL B 98 -9.18 -14.22 -16.01
N GLN B 99 -10.03 -14.23 -17.02
CA GLN B 99 -10.08 -15.34 -17.96
C GLN B 99 -8.78 -15.52 -18.73
N GLU B 100 -8.17 -14.41 -19.12
CA GLU B 100 -6.92 -14.46 -19.86
C GLU B 100 -5.84 -15.04 -18.97
N LEU B 101 -5.80 -14.57 -17.73
CA LEU B 101 -4.81 -15.05 -16.77
C LEU B 101 -4.98 -16.53 -16.45
N LYS B 102 -6.22 -16.98 -16.31
CA LYS B 102 -6.49 -18.38 -15.99
C LYS B 102 -6.12 -19.28 -17.16
N GLN B 103 -6.07 -18.67 -18.34
CA GLN B 103 -5.72 -19.38 -19.55
C GLN B 103 -4.23 -19.72 -19.46
N GLN B 104 -3.48 -18.85 -18.78
CA GLN B 104 -2.04 -19.05 -18.63
C GLN B 104 -1.63 -19.72 -17.33
N ASN B 105 -2.49 -19.66 -16.33
CA ASN B 105 -2.21 -20.30 -15.06
C ASN B 105 -3.48 -20.93 -14.56
N PRO B 106 -3.70 -22.20 -14.92
CA PRO B 106 -4.90 -22.94 -14.51
C PRO B 106 -5.02 -22.92 -13.00
N ARG B 107 -3.87 -22.76 -12.34
CA ARG B 107 -3.83 -22.77 -10.88
C ARG B 107 -4.17 -21.42 -10.26
N LEU B 108 -4.51 -20.44 -11.09
CA LEU B 108 -4.85 -19.14 -10.56
C LEU B 108 -6.11 -19.19 -9.72
N VAL B 109 -6.12 -18.45 -8.61
CA VAL B 109 -7.29 -18.41 -7.75
C VAL B 109 -7.89 -17.02 -7.78
N TYR B 110 -9.17 -16.95 -8.13
CA TYR B 110 -9.87 -15.66 -8.19
C TYR B 110 -10.76 -15.48 -6.95
N VAL B 111 -10.34 -14.60 -6.06
CA VAL B 111 -11.10 -14.31 -4.85
C VAL B 111 -11.95 -13.09 -5.16
N CYS B 112 -13.26 -13.24 -5.05
CA CYS B 112 -14.18 -12.15 -5.36
C CYS B 112 -15.18 -11.79 -4.26
N ASP B 113 -15.22 -10.52 -3.89
CA ASP B 113 -16.17 -10.04 -2.89
C ASP B 113 -17.22 -9.26 -3.71
N PRO B 114 -18.36 -9.89 -4.02
CA PRO B 114 -19.47 -9.31 -4.80
C PRO B 114 -20.24 -8.25 -4.04
N VAL B 115 -19.65 -7.06 -3.94
CA VAL B 115 -20.26 -5.98 -3.19
C VAL B 115 -21.47 -5.33 -3.85
N MET B 116 -22.59 -5.33 -3.13
CA MET B 116 -23.84 -4.74 -3.60
C MET B 116 -24.69 -4.11 -2.49
N GLY B 117 -24.61 -4.61 -1.25
CA GLY B 117 -25.40 -4.04 -0.17
C GLY B 117 -25.48 -4.82 1.14
N ASP B 118 -26.39 -4.41 2.02
CA ASP B 118 -26.57 -5.08 3.32
C ASP B 118 -27.99 -4.84 3.83
N GLN B 119 -28.18 -5.17 5.11
CA GLN B 119 -29.44 -4.96 5.81
C GLN B 119 -28.91 -4.33 7.09
N ARG B 120 -28.67 -3.01 7.01
CA ARG B 120 -28.14 -2.23 8.12
C ARG B 120 -29.04 -2.25 9.34
N ASN B 121 -29.07 -3.40 10.00
CA ASN B 121 -29.88 -3.61 11.18
C ASN B 121 -31.35 -3.58 10.76
N GLY B 122 -31.72 -4.49 9.86
CA GLY B 122 -33.08 -4.55 9.36
C GLY B 122 -33.33 -3.55 8.27
N GLU B 123 -32.25 -2.97 7.73
CA GLU B 123 -32.31 -1.98 6.66
C GLU B 123 -31.58 -2.51 5.42
N GLY B 124 -32.32 -3.13 4.49
CA GLY B 124 -31.69 -3.70 3.31
C GLY B 124 -31.92 -3.05 1.95
N ALA B 125 -30.84 -2.50 1.38
CA ALA B 125 -30.87 -1.82 0.07
C ALA B 125 -29.51 -1.93 -0.65
N MET B 126 -29.51 -1.59 -1.95
CA MET B 126 -28.31 -1.65 -2.79
C MET B 126 -27.32 -0.48 -2.74
N TYR B 127 -26.05 -0.79 -3.02
CA TYR B 127 -24.95 0.19 -3.05
C TYR B 127 -24.60 0.44 -4.51
N VAL B 128 -25.04 -0.46 -5.37
CA VAL B 128 -24.71 -0.42 -6.79
C VAL B 128 -25.89 -0.44 -7.77
N PRO B 129 -25.64 -0.05 -9.03
CA PRO B 129 -26.73 -0.05 -10.01
C PRO B 129 -27.30 -1.45 -10.21
N ASP B 130 -28.61 -1.54 -10.36
CA ASP B 130 -29.27 -2.83 -10.54
C ASP B 130 -28.73 -3.59 -11.75
N ASP B 131 -28.05 -2.88 -12.64
CA ASP B 131 -27.51 -3.54 -13.84
C ASP B 131 -26.21 -4.29 -13.61
N LEU B 132 -25.68 -4.26 -12.39
CA LEU B 132 -24.45 -4.98 -12.09
C LEU B 132 -24.74 -6.44 -11.75
N LEU B 133 -25.88 -6.69 -11.09
CA LEU B 133 -26.24 -8.04 -10.70
C LEU B 133 -26.21 -9.06 -11.83
N PRO B 134 -26.69 -8.70 -13.02
CA PRO B 134 -26.64 -9.69 -14.09
C PRO B 134 -25.19 -10.04 -14.44
N VAL B 135 -24.32 -9.04 -14.38
CA VAL B 135 -22.91 -9.27 -14.70
C VAL B 135 -22.25 -10.14 -13.64
N TYR B 136 -22.56 -9.90 -12.37
CA TYR B 136 -22.02 -10.70 -11.27
C TYR B 136 -22.51 -12.13 -11.38
N ARG B 137 -23.80 -12.27 -11.65
CA ARG B 137 -24.45 -13.58 -11.78
C ARG B 137 -23.91 -14.42 -12.92
N GLU B 138 -23.98 -13.88 -14.12
CA GLU B 138 -23.57 -14.61 -15.31
C GLU B 138 -22.08 -14.56 -15.70
N LYS B 139 -21.38 -13.48 -15.39
CA LYS B 139 -19.98 -13.40 -15.78
C LYS B 139 -18.90 -13.45 -14.70
N VAL B 140 -19.18 -12.92 -13.52
CA VAL B 140 -18.16 -12.92 -12.47
C VAL B 140 -18.16 -14.20 -11.62
N VAL B 141 -19.31 -14.54 -11.03
CA VAL B 141 -19.39 -15.72 -10.18
C VAL B 141 -18.86 -17.00 -10.84
N PRO B 142 -19.29 -17.29 -12.07
CA PRO B 142 -18.82 -18.50 -12.76
C PRO B 142 -17.30 -18.70 -12.81
N VAL B 143 -16.52 -17.63 -12.89
CA VAL B 143 -15.07 -17.81 -12.92
C VAL B 143 -14.40 -17.56 -11.57
N ALA B 144 -15.19 -17.31 -10.53
CA ALA B 144 -14.63 -17.09 -9.19
C ALA B 144 -14.35 -18.40 -8.48
N ASP B 145 -13.33 -18.41 -7.62
CA ASP B 145 -12.98 -19.62 -6.88
C ASP B 145 -13.38 -19.45 -5.41
N ILE B 146 -13.37 -18.20 -4.95
CA ILE B 146 -13.75 -17.90 -3.59
C ILE B 146 -14.58 -16.64 -3.61
N ILE B 147 -15.77 -16.69 -3.06
CA ILE B 147 -16.62 -15.49 -3.00
C ILE B 147 -16.97 -15.25 -1.55
N THR B 148 -17.09 -13.98 -1.19
CA THR B 148 -17.36 -13.63 0.19
C THR B 148 -18.51 -12.66 0.32
N PRO B 149 -19.71 -13.06 -0.11
CA PRO B 149 -20.88 -12.17 -0.01
C PRO B 149 -21.49 -12.13 1.39
N ASN B 150 -22.30 -11.11 1.67
CA ASN B 150 -23.01 -11.04 2.95
C ASN B 150 -24.38 -11.60 2.59
N GLN B 151 -25.26 -11.77 3.58
CA GLN B 151 -26.56 -12.34 3.29
C GLN B 151 -27.25 -11.75 2.05
N PHE B 152 -27.47 -10.44 2.08
CA PHE B 152 -28.13 -9.73 0.99
C PHE B 152 -27.54 -10.04 -0.39
N GLU B 153 -26.21 -10.14 -0.48
CA GLU B 153 -25.57 -10.42 -1.75
C GLU B 153 -25.74 -11.88 -2.16
N ALA B 154 -25.89 -12.77 -1.18
CA ALA B 154 -26.07 -14.18 -1.45
C ALA B 154 -27.50 -14.40 -1.93
N GLU B 155 -28.43 -13.63 -1.36
CA GLU B 155 -29.82 -13.74 -1.74
C GLU B 155 -29.99 -13.21 -3.16
N LEU B 156 -29.35 -12.10 -3.46
CA LEU B 156 -29.45 -11.51 -4.79
C LEU B 156 -28.85 -12.38 -5.90
N LEU B 157 -27.70 -12.98 -5.63
CA LEU B 157 -27.03 -13.81 -6.61
C LEU B 157 -27.81 -15.08 -6.95
N THR B 158 -28.53 -15.61 -5.97
CA THR B 158 -29.31 -16.83 -6.15
C THR B 158 -30.81 -16.57 -6.35
N GLY B 159 -31.23 -15.33 -6.11
CA GLY B 159 -32.63 -14.99 -6.28
C GLY B 159 -33.50 -15.58 -5.19
N ARG B 160 -32.89 -16.24 -4.22
CA ARG B 160 -33.62 -16.84 -3.12
C ARG B 160 -33.36 -16.09 -1.81
N LYS B 161 -34.35 -16.08 -0.93
CA LYS B 161 -34.27 -15.37 0.35
C LYS B 161 -33.89 -16.33 1.48
N ILE B 162 -33.15 -15.83 2.46
CA ILE B 162 -32.70 -16.66 3.58
C ILE B 162 -33.41 -16.31 4.89
N HIS B 163 -34.11 -17.28 5.45
CA HIS B 163 -34.83 -17.05 6.70
C HIS B 163 -34.27 -17.93 7.80
N SER B 164 -33.41 -18.87 7.44
CA SER B 164 -32.84 -19.77 8.44
C SER B 164 -31.48 -20.32 8.06
N GLN B 165 -30.81 -20.92 9.04
CA GLN B 165 -29.50 -21.51 8.83
C GLN B 165 -29.55 -22.58 7.75
N GLU B 166 -30.67 -23.30 7.68
CA GLU B 166 -30.83 -24.36 6.70
C GLU B 166 -30.92 -23.80 5.28
N GLU B 167 -31.71 -22.75 5.11
CA GLU B 167 -31.86 -22.13 3.80
C GLU B 167 -30.53 -21.50 3.40
N ALA B 168 -29.76 -21.09 4.39
CA ALA B 168 -28.46 -20.47 4.11
C ALA B 168 -27.58 -21.50 3.40
N LEU B 169 -27.54 -22.71 3.94
CA LEU B 169 -26.73 -23.77 3.37
C LEU B 169 -27.19 -24.14 1.96
N GLU B 170 -28.48 -24.06 1.70
CA GLU B 170 -29.00 -24.38 0.38
C GLU B 170 -28.52 -23.33 -0.61
N VAL B 171 -28.58 -22.07 -0.18
CA VAL B 171 -28.15 -20.98 -1.03
C VAL B 171 -26.66 -21.11 -1.35
N MET B 172 -25.86 -21.53 -0.36
CA MET B 172 -24.42 -21.69 -0.57
C MET B 172 -24.16 -22.82 -1.56
N ASP B 173 -25.04 -23.82 -1.57
CA ASP B 173 -24.92 -24.94 -2.50
C ASP B 173 -25.21 -24.44 -3.91
N MET B 174 -26.23 -23.59 -4.02
CA MET B 174 -26.60 -23.05 -5.32
C MET B 174 -25.44 -22.22 -5.85
N LEU B 175 -24.70 -21.59 -4.94
CA LEU B 175 -23.55 -20.80 -5.34
C LEU B 175 -22.43 -21.71 -5.81
N HIS B 176 -22.19 -22.81 -5.09
CA HIS B 176 -21.17 -23.77 -5.49
C HIS B 176 -21.47 -24.21 -6.92
N SER B 177 -22.75 -24.46 -7.18
CA SER B 177 -23.21 -24.90 -8.49
C SER B 177 -22.97 -23.85 -9.56
N MET B 178 -22.84 -22.59 -9.14
CA MET B 178 -22.60 -21.51 -10.09
C MET B 178 -21.12 -21.42 -10.41
N GLY B 179 -20.28 -22.10 -9.63
CA GLY B 179 -18.87 -22.06 -9.92
C GLY B 179 -17.84 -22.14 -8.80
N PRO B 180 -17.86 -21.20 -7.83
CA PRO B 180 -16.89 -21.20 -6.72
C PRO B 180 -16.93 -22.35 -5.74
N ASP B 181 -15.76 -22.97 -5.52
CA ASP B 181 -15.64 -24.10 -4.60
C ASP B 181 -15.67 -23.65 -3.16
N THR B 182 -15.42 -22.37 -2.95
CA THR B 182 -15.40 -21.83 -1.59
C THR B 182 -16.37 -20.66 -1.48
N VAL B 183 -17.27 -20.74 -0.51
CA VAL B 183 -18.24 -19.69 -0.27
C VAL B 183 -18.31 -19.35 1.21
N VAL B 184 -18.26 -18.07 1.52
CA VAL B 184 -18.34 -17.66 2.91
C VAL B 184 -19.32 -16.51 3.00
N ILE B 185 -20.36 -16.69 3.81
CA ILE B 185 -21.32 -15.63 4.02
C ILE B 185 -20.76 -14.98 5.27
N THR B 186 -20.15 -13.81 5.09
CA THR B 186 -19.50 -13.06 6.16
C THR B 186 -20.39 -12.53 7.28
N SER B 187 -21.67 -12.32 7.00
CA SER B 187 -22.57 -11.83 8.04
C SER B 187 -24.02 -12.08 7.62
N SER B 188 -24.90 -12.22 8.61
CA SER B 188 -26.31 -12.46 8.33
C SER B 188 -27.22 -11.86 9.39
N ASN B 189 -28.51 -11.84 9.08
CA ASN B 189 -29.52 -11.32 9.98
C ASN B 189 -29.99 -12.50 10.83
N LEU B 190 -29.42 -13.67 10.58
CA LEU B 190 -29.80 -14.87 11.31
C LEU B 190 -29.52 -14.75 12.79
N LEU B 191 -30.48 -15.22 13.58
CA LEU B 191 -30.35 -15.19 15.03
C LEU B 191 -29.29 -16.25 15.33
N SER B 192 -28.38 -15.94 16.25
CA SER B 192 -27.34 -16.90 16.59
C SER B 192 -27.68 -17.62 17.89
N PRO B 193 -27.34 -18.91 17.95
CA PRO B 193 -27.63 -19.70 19.15
C PRO B 193 -26.89 -19.22 20.41
N ARG B 194 -25.78 -18.50 20.26
CA ARG B 194 -25.07 -18.03 21.45
C ARG B 194 -25.62 -16.72 21.99
N GLY B 195 -26.48 -16.04 21.22
CA GLY B 195 -27.05 -14.79 21.70
C GLY B 195 -27.33 -13.77 20.62
N SER B 196 -28.25 -12.85 20.92
CA SER B 196 -28.64 -11.80 19.97
C SER B 196 -27.51 -10.85 19.64
N ASP B 197 -26.53 -10.78 20.53
CA ASP B 197 -25.40 -9.89 20.34
C ASP B 197 -24.30 -10.50 19.49
N TYR B 198 -24.53 -11.71 18.98
CA TYR B 198 -23.53 -12.36 18.15
C TYR B 198 -23.88 -12.31 16.67
N LEU B 199 -22.86 -12.10 15.85
CA LEU B 199 -22.99 -12.07 14.40
C LEU B 199 -22.70 -13.49 13.93
N MET B 200 -23.52 -14.00 13.01
CA MET B 200 -23.31 -15.33 12.51
C MET B 200 -22.77 -15.33 11.09
N ALA B 201 -21.68 -16.07 10.89
CA ALA B 201 -21.08 -16.18 9.57
C ALA B 201 -21.16 -17.65 9.23
N LEU B 202 -21.10 -17.97 7.94
CA LEU B 202 -21.17 -19.37 7.51
C LEU B 202 -20.21 -19.58 6.37
N GLY B 203 -19.60 -20.75 6.34
CA GLY B 203 -18.66 -21.05 5.27
C GLY B 203 -18.87 -22.45 4.72
N SER B 204 -18.52 -22.62 3.46
CA SER B 204 -18.65 -23.91 2.81
C SER B 204 -17.58 -24.10 1.75
N GLN B 205 -16.98 -25.27 1.72
CA GLN B 205 -15.95 -25.55 0.73
C GLN B 205 -16.23 -26.90 0.10
N ARG B 206 -16.51 -26.89 -1.20
CA ARG B 206 -16.81 -28.12 -1.93
C ARG B 206 -15.55 -28.74 -2.52
N THR B 207 -15.50 -30.07 -2.53
CA THR B 207 -14.35 -30.79 -3.05
C THR B 207 -14.80 -32.05 -3.80
N ARG B 208 -14.48 -32.14 -5.09
CA ARG B 208 -14.86 -33.31 -5.86
C ARG B 208 -13.79 -34.39 -5.75
N ALA B 209 -14.21 -35.57 -5.31
CA ALA B 209 -13.33 -36.70 -5.15
C ALA B 209 -13.08 -37.38 -6.50
N PRO B 210 -12.00 -38.17 -6.60
CA PRO B 210 -11.66 -38.87 -7.85
C PRO B 210 -12.82 -39.67 -8.40
N ASP B 211 -13.49 -40.42 -7.53
CA ASP B 211 -14.62 -41.27 -7.92
C ASP B 211 -15.90 -40.51 -8.26
N GLY B 212 -15.83 -39.19 -8.30
CA GLY B 212 -16.99 -38.39 -8.63
C GLY B 212 -17.86 -38.04 -7.44
N SER B 213 -17.46 -38.48 -6.25
CA SER B 213 -18.21 -38.17 -5.04
C SER B 213 -17.84 -36.76 -4.64
N VAL B 214 -18.74 -36.11 -3.90
CA VAL B 214 -18.51 -34.73 -3.47
C VAL B 214 -18.51 -34.55 -1.95
N VAL B 215 -17.41 -34.01 -1.41
CA VAL B 215 -17.33 -33.74 0.02
C VAL B 215 -17.51 -32.23 0.25
N THR B 216 -18.36 -31.87 1.20
CA THR B 216 -18.64 -30.46 1.50
C THR B 216 -18.41 -30.10 2.96
N GLN B 217 -17.38 -29.32 3.25
CA GLN B 217 -17.17 -28.90 4.62
C GLN B 217 -17.97 -27.63 4.87
N ARG B 218 -18.84 -27.66 5.87
CA ARG B 218 -19.66 -26.50 6.20
C ARG B 218 -19.33 -26.10 7.64
N ILE B 219 -19.27 -24.80 7.90
CA ILE B 219 -18.96 -24.32 9.24
C ILE B 219 -19.77 -23.08 9.56
N ARG B 220 -20.01 -22.88 10.85
CA ARG B 220 -20.74 -21.72 11.31
C ARG B 220 -19.82 -21.00 12.27
N MET B 221 -19.91 -19.68 12.27
CA MET B 221 -19.09 -18.86 13.16
C MET B 221 -19.91 -17.77 13.80
N GLU B 222 -19.67 -17.55 15.08
CA GLU B 222 -20.38 -16.55 15.84
C GLU B 222 -19.40 -15.59 16.50
N MET B 223 -19.46 -14.33 16.09
CA MET B 223 -18.57 -13.31 16.60
C MET B 223 -19.39 -12.30 17.40
N HIS B 224 -18.84 -11.81 18.51
CA HIS B 224 -19.55 -10.83 19.31
C HIS B 224 -19.50 -9.49 18.61
N LYS B 225 -20.67 -8.85 18.47
CA LYS B 225 -20.78 -7.56 17.79
C LYS B 225 -20.13 -6.42 18.56
N VAL B 226 -19.53 -5.50 17.81
CA VAL B 226 -18.91 -4.31 18.36
C VAL B 226 -19.92 -3.24 18.00
N ASP B 227 -20.35 -2.43 18.97
CA ASP B 227 -21.35 -1.42 18.71
C ASP B 227 -20.81 -0.19 17.99
N ALA B 228 -20.63 -0.33 16.69
CA ALA B 228 -20.13 0.75 15.86
C ALA B 228 -20.24 0.30 14.41
N VAL B 229 -20.26 1.26 13.50
CA VAL B 229 -20.34 0.97 12.08
C VAL B 229 -18.97 1.20 11.47
N PHE B 230 -18.34 0.12 11.02
CA PHE B 230 -17.02 0.24 10.42
C PHE B 230 -17.09 0.21 8.91
N VAL B 231 -16.03 0.69 8.27
CA VAL B 231 -15.94 0.71 6.83
C VAL B 231 -14.66 -0.01 6.37
N GLY B 232 -14.76 -0.74 5.26
CA GLY B 232 -13.61 -1.46 4.74
C GLY B 232 -13.43 -2.83 5.38
N THR B 233 -14.38 -3.22 6.22
CA THR B 233 -14.38 -4.50 6.93
C THR B 233 -14.46 -5.71 6.00
N GLY B 234 -15.27 -5.62 4.96
CA GLY B 234 -15.39 -6.73 4.03
C GLY B 234 -14.14 -6.89 3.18
N ASP B 235 -13.46 -5.78 2.90
CA ASP B 235 -12.25 -5.81 2.12
C ASP B 235 -11.14 -6.48 2.93
N LEU B 236 -11.00 -6.07 4.19
CA LEU B 236 -9.98 -6.64 5.05
C LEU B 236 -10.20 -8.13 5.24
N PHE B 237 -11.47 -8.53 5.32
CA PHE B 237 -11.84 -9.92 5.49
C PHE B 237 -11.38 -10.75 4.30
N ALA B 238 -11.82 -10.35 3.11
CA ALA B 238 -11.48 -11.05 1.87
C ALA B 238 -9.98 -11.19 1.65
N ALA B 239 -9.24 -10.15 2.05
CA ALA B 239 -7.79 -10.15 1.90
C ALA B 239 -7.11 -11.18 2.81
N MET B 240 -7.55 -11.26 4.06
CA MET B 240 -6.94 -12.19 4.99
C MET B 240 -7.40 -13.61 4.71
N LEU B 241 -8.64 -13.77 4.24
CA LEU B 241 -9.15 -15.10 3.91
C LEU B 241 -8.29 -15.70 2.78
N LEU B 242 -7.87 -14.85 1.85
CA LEU B 242 -7.04 -15.28 0.72
C LEU B 242 -5.71 -15.84 1.26
N ALA B 243 -5.09 -15.11 2.16
CA ALA B 243 -3.81 -15.54 2.73
C ALA B 243 -3.92 -16.84 3.51
N TRP B 244 -4.90 -16.92 4.40
CA TRP B 244 -5.06 -18.11 5.21
C TRP B 244 -5.54 -19.32 4.43
N THR B 245 -6.40 -19.12 3.44
CA THR B 245 -6.84 -20.29 2.67
C THR B 245 -5.63 -20.81 1.92
N HIS B 246 -4.70 -19.92 1.56
CA HIS B 246 -3.50 -20.33 0.86
C HIS B 246 -2.68 -21.30 1.70
N LYS B 247 -2.51 -20.96 2.98
CA LYS B 247 -1.74 -21.79 3.90
C LYS B 247 -2.46 -23.08 4.30
N HIS B 248 -3.78 -23.01 4.38
CA HIS B 248 -4.61 -24.15 4.74
C HIS B 248 -5.57 -24.36 3.60
N PRO B 249 -5.05 -24.81 2.46
CA PRO B 249 -5.84 -25.07 1.25
C PRO B 249 -7.07 -25.97 1.42
N ASN B 250 -6.94 -27.03 2.18
CA ASN B 250 -8.07 -27.94 2.36
C ASN B 250 -8.69 -27.87 3.73
N ASN B 251 -8.53 -26.74 4.40
CA ASN B 251 -9.08 -26.60 5.74
C ASN B 251 -9.74 -25.24 5.89
N LEU B 252 -10.98 -25.15 5.44
CA LEU B 252 -11.71 -23.91 5.54
C LEU B 252 -11.86 -23.51 7.00
N LYS B 253 -12.01 -24.51 7.88
CA LYS B 253 -12.19 -24.28 9.30
C LYS B 253 -11.11 -23.38 9.90
N VAL B 254 -9.87 -23.83 9.80
CA VAL B 254 -8.75 -23.10 10.35
C VAL B 254 -8.53 -21.76 9.64
N ALA B 255 -8.77 -21.72 8.33
CA ALA B 255 -8.62 -20.49 7.56
C ALA B 255 -9.60 -19.42 8.07
N CYS B 256 -10.83 -19.85 8.34
CA CYS B 256 -11.84 -18.93 8.83
C CYS B 256 -11.57 -18.51 10.27
N GLU B 257 -11.13 -19.45 11.11
CA GLU B 257 -10.82 -19.14 12.49
C GLU B 257 -9.71 -18.12 12.59
N LYS B 258 -8.65 -18.29 11.81
CA LYS B 258 -7.55 -17.35 11.85
C LYS B 258 -7.99 -15.99 11.30
N THR B 259 -8.83 -16.00 10.28
CA THR B 259 -9.29 -14.76 9.67
C THR B 259 -10.22 -13.98 10.61
N VAL B 260 -11.20 -14.67 11.18
CA VAL B 260 -12.16 -14.02 12.08
C VAL B 260 -11.47 -13.55 13.36
N SER B 261 -10.48 -14.30 13.82
CA SER B 261 -9.79 -13.90 15.04
C SER B 261 -9.08 -12.57 14.80
N ALA B 262 -8.40 -12.47 13.65
CA ALA B 262 -7.68 -11.27 13.31
C ALA B 262 -8.63 -10.07 13.24
N MET B 263 -9.84 -10.29 12.72
CA MET B 263 -10.83 -9.21 12.61
C MET B 263 -11.15 -8.71 13.99
N HIS B 264 -11.39 -9.66 14.91
CA HIS B 264 -11.73 -9.33 16.27
C HIS B 264 -10.63 -8.46 16.94
N HIS B 265 -9.38 -8.83 16.71
CA HIS B 265 -8.28 -8.09 17.29
C HIS B 265 -8.18 -6.68 16.73
N VAL B 266 -8.32 -6.56 15.40
CA VAL B 266 -8.24 -5.26 14.76
C VAL B 266 -9.36 -4.33 15.20
N LEU B 267 -10.58 -4.86 15.27
CA LEU B 267 -11.73 -4.06 15.67
C LEU B 267 -11.70 -3.66 17.14
N GLN B 268 -11.24 -4.56 18.01
CA GLN B 268 -11.16 -4.24 19.44
C GLN B 268 -10.18 -3.09 19.63
N ARG B 269 -9.10 -3.11 18.85
CA ARG B 269 -8.09 -2.08 18.93
C ARG B 269 -8.65 -0.78 18.34
N THR B 270 -9.52 -0.92 17.35
CA THR B 270 -10.10 0.24 16.70
C THR B 270 -11.16 0.95 17.56
N ILE B 271 -12.07 0.20 18.16
CA ILE B 271 -13.12 0.81 18.97
C ILE B 271 -12.53 1.40 20.25
N LYS B 272 -11.45 0.79 20.75
CA LYS B 272 -10.81 1.29 21.95
C LYS B 272 -10.19 2.66 21.67
N CYS B 273 -9.45 2.78 20.58
CA CYS B 273 -8.83 4.05 20.23
C CYS B 273 -9.83 5.12 19.81
N ALA B 274 -10.94 4.70 19.20
CA ALA B 274 -11.94 5.66 18.74
C ALA B 274 -12.69 6.33 19.91
N LYS B 275 -13.03 5.55 20.93
CA LYS B 275 -13.72 6.09 22.08
C LYS B 275 -12.80 7.02 22.85
N ALA B 276 -11.52 6.67 22.92
CA ALA B 276 -10.55 7.48 23.64
C ALA B 276 -10.33 8.82 22.96
N LYS B 277 -10.36 8.82 21.64
CA LYS B 277 -10.16 10.03 20.87
C LYS B 277 -11.36 10.96 20.77
N SER B 278 -12.54 10.43 21.05
CA SER B 278 -13.74 11.24 20.96
C SER B 278 -14.32 11.71 22.30
N GLY B 279 -13.68 11.36 23.40
CA GLY B 279 -14.18 11.79 24.70
C GLY B 279 -15.27 10.87 25.24
N GLU B 280 -15.58 11.00 26.52
CA GLU B 280 -16.61 10.14 27.12
C GLU B 280 -18.02 10.58 26.75
N GLY B 281 -18.88 9.61 26.53
CA GLY B 281 -20.24 9.91 26.16
C GLY B 281 -20.40 10.09 24.67
N VAL B 282 -19.53 10.90 24.08
CA VAL B 282 -19.59 11.18 22.63
C VAL B 282 -19.38 9.96 21.73
N LYS B 283 -20.18 9.88 20.67
CA LYS B 283 -20.08 8.78 19.72
C LYS B 283 -18.96 9.04 18.73
N PRO B 284 -18.10 8.05 18.51
CA PRO B 284 -16.97 8.19 17.58
C PRO B 284 -17.44 8.51 16.17
N SER B 285 -16.72 9.40 15.49
CA SER B 285 -17.07 9.78 14.13
C SER B 285 -16.35 8.87 13.13
N PRO B 286 -16.84 8.82 11.89
CA PRO B 286 -16.24 7.99 10.83
C PRO B 286 -14.73 8.19 10.74
N ALA B 287 -14.29 9.43 10.96
CA ALA B 287 -12.87 9.73 10.90
C ALA B 287 -12.13 9.05 12.04
N GLN B 288 -12.77 8.96 13.19
CA GLN B 288 -12.13 8.33 14.34
C GLN B 288 -12.24 6.81 14.30
N LEU B 289 -13.15 6.29 13.48
CA LEU B 289 -13.35 4.86 13.39
C LEU B 289 -12.55 4.15 12.30
N GLU B 290 -11.66 4.89 11.64
CA GLU B 290 -10.83 4.28 10.61
C GLU B 290 -10.04 3.14 11.25
N LEU B 291 -10.02 2.00 10.56
CA LEU B 291 -9.30 0.83 11.07
C LEU B 291 -7.88 1.15 11.49
N ARG B 292 -7.49 0.62 12.65
CA ARG B 292 -6.15 0.81 13.16
C ARG B 292 -5.28 -0.31 12.59
N MET B 293 -5.10 -0.24 11.27
CA MET B 293 -4.35 -1.20 10.49
C MET B 293 -2.89 -1.37 10.94
N VAL B 294 -2.12 -0.30 10.85
CA VAL B 294 -0.71 -0.29 11.21
C VAL B 294 -0.39 -0.77 12.63
N GLN B 295 -1.22 -0.41 13.60
CA GLN B 295 -0.99 -0.80 14.98
C GLN B 295 -1.41 -2.24 15.26
N SER B 296 -2.02 -2.89 14.26
CA SER B 296 -2.47 -4.26 14.41
C SER B 296 -1.57 -5.26 13.69
N LYS B 297 -0.43 -4.78 13.20
CA LYS B 297 0.52 -5.62 12.48
C LYS B 297 0.71 -7.00 13.08
N LYS B 298 1.10 -7.06 14.35
CA LYS B 298 1.35 -8.35 14.97
C LYS B 298 0.11 -9.24 15.02
N ASP B 299 -1.05 -8.63 15.24
CA ASP B 299 -2.26 -9.41 15.32
C ASP B 299 -2.65 -9.99 13.97
N ILE B 300 -2.29 -9.28 12.90
CA ILE B 300 -2.58 -9.73 11.54
C ILE B 300 -1.62 -10.83 11.11
N GLU B 301 -0.37 -10.72 11.56
CA GLU B 301 0.64 -11.72 11.21
C GLU B 301 0.37 -13.05 11.88
N SER B 302 0.10 -13.01 13.18
CA SER B 302 -0.16 -14.22 13.94
C SER B 302 -1.28 -13.96 14.95
N PRO B 303 -2.54 -14.08 14.52
CA PRO B 303 -3.61 -13.82 15.47
C PRO B 303 -3.86 -14.92 16.49
N GLU B 304 -4.20 -14.53 17.71
CA GLU B 304 -4.52 -15.50 18.74
C GLU B 304 -5.95 -15.92 18.39
N ILE B 305 -6.22 -17.22 18.41
CA ILE B 305 -7.55 -17.68 18.08
C ILE B 305 -8.50 -17.35 19.23
N VAL B 306 -9.64 -16.75 18.91
CA VAL B 306 -10.62 -16.38 19.93
C VAL B 306 -12.03 -16.76 19.50
N VAL B 307 -12.12 -17.50 18.40
CA VAL B 307 -13.41 -17.94 17.90
C VAL B 307 -13.27 -19.34 17.36
N GLN B 308 -14.21 -20.21 17.72
CA GLN B 308 -14.19 -21.58 17.24
C GLN B 308 -15.30 -21.73 16.22
N ALA B 309 -14.96 -22.36 15.09
CA ALA B 309 -15.93 -22.59 14.05
C ALA B 309 -16.62 -23.89 14.39
N THR B 310 -17.93 -23.92 14.23
CA THR B 310 -18.70 -25.13 14.50
C THR B 310 -18.88 -25.85 13.17
N VAL B 311 -18.47 -27.12 13.12
CA VAL B 311 -18.63 -27.89 11.90
C VAL B 311 -20.07 -28.41 11.83
N LEU B 312 -20.73 -28.10 10.72
CA LEU B 312 -22.11 -28.50 10.48
C LEU B 312 -22.20 -29.77 9.63
#